data_7NBW
#
_entry.id   7NBW
#
_cell.length_a   121.386
_cell.length_b   121.386
_cell.length_c   114.839
_cell.angle_alpha   90.000
_cell.angle_beta   90.000
_cell.angle_gamma   120.000
#
_symmetry.space_group_name_H-M   'P 65 2 2'
#
loop_
_entity.id
_entity.type
_entity.pdbx_description
1 polymer 'Transcriptional regulator MvfR'
2 non-polymer ~{N}-[3-(4-fluorophenyl)prop-2-ynyl]-2-(trifluoromethyl)pyridin-4-amine
3 water water
#
_entity_poly.entity_id   1
_entity_poly.type   'polypeptide(L)'
_entity_poly.pdbx_seq_one_letter_code
;GPRNLRVLLDTAIPPSFCDTVSSVLLDDFNMVSLIRTSPADSLATIKQDNAEIDIAITIDEELKISRFNQCVLGYTKAFV
VAHPQHPLCNASLHSIASLANYRQISLGSRSGQHSNLLRPVSDKVLFVENFDDMLRLVEAGVGWGIAPHYFVEERLRNGT
LAVLSELYEPGGIDTKVYCYYNTALESERSFLRFLESARQRLRELGRQRFDDAPAWQPSIVETAQRRSG
;
_entity_poly.pdbx_strand_id   A
#
loop_
_chem_comp.id
_chem_comp.type
_chem_comp.name
_chem_comp.formula
U7Q non-polymer ~{N}-[3-(4-fluorophenyl)prop-2-ynyl]-2-(trifluoromethyl)pyridin-4-amine 'C15 H10 F4 N2'
#
# COMPACT_ATOMS: atom_id res chain seq x y z
N PRO A 2 13.13 -7.45 26.77
CA PRO A 2 11.99 -7.59 25.86
C PRO A 2 11.01 -6.43 25.89
N ARG A 3 9.85 -6.66 25.28
CA ARG A 3 8.78 -5.67 25.17
C ARG A 3 9.13 -4.61 24.14
N ASN A 4 9.67 -5.04 23.00
CA ASN A 4 10.04 -4.17 21.90
C ASN A 4 9.04 -4.38 20.78
N LEU A 5 8.22 -3.37 20.52
CA LEU A 5 7.23 -3.46 19.46
C LEU A 5 7.89 -3.21 18.11
N ARG A 6 7.59 -4.07 17.14
CA ARG A 6 8.06 -3.93 15.77
C ARG A 6 6.86 -3.79 14.86
N VAL A 7 6.76 -2.67 14.15
CA VAL A 7 5.61 -2.33 13.33
C VAL A 7 6.08 -2.20 11.89
N LEU A 8 5.28 -2.70 10.96
CA LEU A 8 5.57 -2.66 9.54
C LEU A 8 4.46 -1.95 8.80
N LEU A 9 4.84 -1.01 7.94
CA LEU A 9 3.92 -0.25 7.11
C LEU A 9 4.36 -0.43 5.66
N ASP A 10 3.41 -0.63 4.77
CA ASP A 10 3.81 -0.69 3.37
C ASP A 10 3.75 0.71 2.78
N THR A 11 4.42 0.89 1.66
CA THR A 11 4.59 2.22 1.10
C THR A 11 3.32 2.76 0.44
N ALA A 12 2.19 2.07 0.56
CA ALA A 12 0.91 2.63 0.15
C ALA A 12 0.24 3.41 1.27
N ILE A 13 0.74 3.28 2.49
CA ILE A 13 0.24 4.07 3.62
C ILE A 13 0.98 5.39 3.58
N PRO A 14 0.33 6.53 3.76
CA PRO A 14 1.03 7.80 3.76
C PRO A 14 2.00 7.90 4.94
N PRO A 15 3.13 8.59 4.78
CA PRO A 15 4.05 8.76 5.90
C PRO A 15 3.40 9.43 7.10
N SER A 16 2.58 10.47 6.86
CA SER A 16 1.89 11.17 7.95
C SER A 16 1.15 10.21 8.86
N PHE A 17 0.52 9.17 8.29
CA PHE A 17 -0.18 8.18 9.11
C PHE A 17 0.68 7.67 10.26
N CYS A 18 1.94 7.31 9.96
CA CYS A 18 2.77 6.67 10.97
C CYS A 18 2.94 7.55 12.20
N ASP A 19 2.78 8.88 12.05
CA ASP A 19 2.87 9.78 13.20
C ASP A 19 2.02 9.27 14.37
N THR A 20 0.77 8.89 14.08
CA THR A 20 -0.13 8.41 15.13
C THR A 20 0.48 7.18 15.82
N VAL A 21 0.87 6.20 14.99
CA VAL A 21 1.58 5.02 15.49
C VAL A 21 2.66 5.46 16.42
N SER A 22 3.46 6.44 15.98
CA SER A 22 4.63 6.80 16.74
C SER A 22 4.23 7.43 18.05
N SER A 23 3.16 8.24 18.03
CA SER A 23 2.79 8.99 19.23
C SER A 23 2.04 8.14 20.25
N VAL A 24 1.18 7.25 19.77
CA VAL A 24 0.24 6.56 20.64
C VAL A 24 0.91 5.44 21.43
N LEU A 25 1.61 4.54 20.76
CA LEU A 25 2.16 3.36 21.40
C LEU A 25 3.62 3.51 21.82
N LEU A 26 4.25 4.66 21.60
CA LEU A 26 5.60 4.85 22.13
C LEU A 26 5.59 4.70 23.64
N ASP A 27 4.60 5.29 24.28
CA ASP A 27 4.62 5.35 25.74
C ASP A 27 4.36 4.00 26.38
N ASP A 28 3.72 3.08 25.67
CA ASP A 28 3.28 1.84 26.27
C ASP A 28 4.25 0.70 26.02
N PHE A 29 5.34 0.93 25.28
CA PHE A 29 6.37 -0.07 25.17
C PHE A 29 7.76 0.48 25.41
N ASN A 30 8.66 -0.44 25.75
CA ASN A 30 10.09 -0.13 25.89
C ASN A 30 10.62 0.62 24.66
N MET A 31 10.31 0.09 23.47
CA MET A 31 10.96 0.52 22.24
C MET A 31 10.04 0.22 21.08
N VAL A 32 9.73 1.23 20.27
CA VAL A 32 8.89 1.06 19.09
C VAL A 32 9.76 1.23 17.85
N SER A 33 9.70 0.24 16.96
CA SER A 33 10.49 0.24 15.74
C SER A 33 9.55 0.27 14.55
N LEU A 34 9.90 1.10 13.55
CA LEU A 34 9.08 1.28 12.37
C LEU A 34 9.84 0.79 11.15
N ILE A 35 9.19 -0.03 10.33
CA ILE A 35 9.80 -0.64 9.16
C ILE A 35 8.85 -0.41 8.01
N ARG A 36 9.37 -0.01 6.85
CA ARG A 36 8.53 0.12 5.68
C ARG A 36 8.97 -0.84 4.59
N THR A 37 7.98 -1.46 3.93
CA THR A 37 8.24 -2.37 2.83
C THR A 37 7.30 -2.07 1.68
N SER A 38 7.62 -2.63 0.52
CA SER A 38 6.69 -2.58 -0.59
C SER A 38 5.42 -3.35 -0.22
N PRO A 39 4.25 -2.87 -0.65
CA PRO A 39 3.03 -3.66 -0.43
C PRO A 39 3.15 -5.12 -0.84
N ALA A 40 4.04 -5.44 -1.78
CA ALA A 40 4.20 -6.80 -2.25
C ALA A 40 5.11 -7.64 -1.36
N ASP A 41 5.79 -7.01 -0.40
CA ASP A 41 6.71 -7.71 0.49
C ASP A 41 6.23 -7.76 1.93
N SER A 42 5.14 -7.07 2.26
CA SER A 42 4.69 -6.96 3.65
C SER A 42 4.38 -8.34 4.23
N LEU A 43 3.42 -9.04 3.63
CA LEU A 43 2.97 -10.31 4.20
C LEU A 43 4.13 -11.31 4.25
N ALA A 44 4.85 -11.47 3.15
CA ALA A 44 5.99 -12.38 3.13
C ALA A 44 7.01 -12.00 4.19
N THR A 45 7.13 -10.70 4.50
CA THR A 45 8.07 -10.30 5.54
C THR A 45 7.61 -10.75 6.91
N ILE A 46 6.34 -10.52 7.24
CA ILE A 46 5.90 -10.88 8.58
C ILE A 46 5.83 -12.40 8.74
N LYS A 47 5.71 -13.15 7.63
CA LYS A 47 5.63 -14.61 7.74
C LYS A 47 7.00 -15.26 7.96
N GLN A 48 8.07 -14.47 7.97
CA GLN A 48 9.38 -14.94 8.44
C GLN A 48 9.37 -14.83 9.96
N ASP A 49 9.43 -15.97 10.67
CA ASP A 49 9.42 -15.90 12.13
C ASP A 49 10.57 -15.04 12.64
N ASN A 50 11.78 -15.23 12.11
CA ASN A 50 12.92 -14.41 12.50
C ASN A 50 12.61 -12.91 12.49
N ALA A 51 11.72 -12.46 11.61
CA ALA A 51 11.51 -11.03 11.45
C ALA A 51 10.86 -10.40 12.67
N GLU A 52 10.15 -11.19 13.48
CA GLU A 52 9.58 -10.75 14.75
C GLU A 52 8.76 -9.48 14.59
N ILE A 53 7.88 -9.48 13.59
CA ILE A 53 6.97 -8.37 13.36
C ILE A 53 5.73 -8.55 14.23
N ASP A 54 5.41 -7.52 15.01
CA ASP A 54 4.27 -7.56 15.90
C ASP A 54 3.02 -6.95 15.27
N ILE A 55 3.19 -5.94 14.42
CA ILE A 55 2.07 -5.27 13.77
C ILE A 55 2.47 -4.94 12.34
N ALA A 56 1.56 -5.17 11.40
CA ALA A 56 1.76 -4.87 9.99
C ALA A 56 0.58 -4.07 9.50
N ILE A 57 0.83 -2.97 8.82
CA ILE A 57 -0.23 -2.13 8.27
C ILE A 57 -0.04 -2.09 6.76
N THR A 58 -0.90 -2.79 6.05
CA THR A 58 -0.68 -3.01 4.62
C THR A 58 -2.00 -3.18 3.91
N ILE A 59 -1.99 -2.91 2.59
CA ILE A 59 -3.17 -3.12 1.78
C ILE A 59 -3.27 -4.54 1.24
N ASP A 60 -2.21 -5.32 1.34
CA ASP A 60 -2.23 -6.68 0.83
C ASP A 60 -3.17 -7.51 1.69
N GLU A 61 -3.80 -8.50 1.06
CA GLU A 61 -4.77 -9.36 1.71
C GLU A 61 -4.36 -10.81 1.64
N GLU A 62 -4.39 -11.49 2.79
CA GLU A 62 -4.27 -12.93 2.88
C GLU A 62 -5.32 -13.45 3.85
N LEU A 63 -6.00 -14.53 3.46
CA LEU A 63 -7.12 -15.03 4.24
C LEU A 63 -6.70 -15.38 5.67
N LYS A 64 -5.83 -16.38 5.81
CA LYS A 64 -5.34 -16.78 7.11
C LYS A 64 -3.82 -16.90 7.08
N ILE A 65 -3.16 -16.07 7.87
CA ILE A 65 -1.72 -16.16 8.11
C ILE A 65 -1.56 -16.62 9.54
N SER A 66 -1.03 -17.83 9.74
CA SER A 66 -0.87 -18.38 11.08
C SER A 66 -0.30 -17.34 12.03
N ARG A 67 -0.68 -17.44 13.31
CA ARG A 67 -0.20 -16.58 14.40
C ARG A 67 -0.42 -15.09 14.14
N PHE A 68 -1.38 -14.72 13.30
CA PHE A 68 -1.74 -13.32 13.11
C PHE A 68 -3.25 -13.19 12.94
N ASN A 69 -3.83 -12.20 13.62
CA ASN A 69 -5.20 -11.82 13.35
C ASN A 69 -5.22 -10.64 12.38
N GLN A 70 -6.36 -10.44 11.75
CA GLN A 70 -6.58 -9.37 10.80
C GLN A 70 -7.75 -8.49 11.23
N CYS A 71 -7.62 -7.20 10.96
CA CYS A 71 -8.71 -6.25 11.12
C CYS A 71 -8.49 -5.11 10.14
N VAL A 72 -9.55 -4.33 9.92
CA VAL A 72 -9.54 -3.25 8.94
C VAL A 72 -9.30 -1.93 9.66
N LEU A 73 -8.38 -1.12 9.14
CA LEU A 73 -8.12 0.21 9.71
C LEU A 73 -8.80 1.33 8.94
N GLY A 74 -9.07 1.16 7.66
CA GLY A 74 -9.71 2.21 6.88
C GLY A 74 -9.45 2.01 5.39
N TYR A 75 -9.46 3.12 4.65
CA TYR A 75 -9.21 3.06 3.22
C TYR A 75 -8.22 4.12 2.78
N THR A 76 -7.51 3.83 1.69
CA THR A 76 -6.71 4.79 0.95
C THR A 76 -7.12 4.76 -0.51
N LYS A 77 -6.47 5.60 -1.32
CA LYS A 77 -6.78 5.75 -2.74
C LYS A 77 -5.54 5.41 -3.56
N ALA A 78 -5.74 4.72 -4.69
CA ALA A 78 -4.66 4.50 -5.64
C ALA A 78 -5.19 4.74 -7.04
N PHE A 79 -4.32 5.23 -7.93
CA PHE A 79 -4.75 5.47 -9.30
C PHE A 79 -3.90 4.71 -10.30
N VAL A 80 -4.53 4.34 -11.40
CA VAL A 80 -3.83 3.92 -12.62
C VAL A 80 -3.39 5.18 -13.33
N VAL A 81 -2.09 5.33 -13.50
CA VAL A 81 -1.50 6.53 -14.10
C VAL A 81 -0.59 6.09 -15.24
N ALA A 82 -0.32 7.04 -16.13
CA ALA A 82 0.52 6.81 -17.29
C ALA A 82 1.05 8.13 -17.80
N HIS A 83 1.98 8.05 -18.75
CA HIS A 83 2.52 9.26 -19.36
C HIS A 83 1.40 10.03 -20.04
N PRO A 84 1.32 11.36 -19.83
CA PRO A 84 0.15 12.11 -20.34
C PRO A 84 -0.09 11.94 -21.83
N GLN A 85 0.93 11.56 -22.59
CA GLN A 85 0.77 11.23 -24.01
C GLN A 85 0.85 9.72 -24.27
N HIS A 86 0.59 8.91 -23.25
CA HIS A 86 0.51 7.48 -23.46
C HIS A 86 -0.71 7.14 -24.32
N PRO A 87 -0.60 6.17 -25.23
CA PRO A 87 -1.70 5.89 -26.17
C PRO A 87 -3.10 5.88 -25.58
N LEU A 88 -3.23 5.47 -24.33
CA LEU A 88 -4.52 5.11 -23.74
C LEU A 88 -5.24 6.26 -23.06
N CYS A 89 -4.78 7.50 -23.25
CA CYS A 89 -5.30 8.63 -22.49
C CYS A 89 -6.69 9.09 -22.93
N ASN A 90 -7.50 8.23 -23.56
CA ASN A 90 -8.88 8.58 -23.83
C ASN A 90 -9.77 8.23 -22.64
N ALA A 91 -9.49 7.06 -22.03
CA ALA A 91 -10.27 6.53 -20.93
C ALA A 91 -11.74 6.44 -21.32
N HIS A 94 -13.03 2.89 -22.87
CA HIS A 94 -12.38 1.59 -23.02
C HIS A 94 -11.83 1.10 -21.69
N SER A 95 -10.92 1.88 -21.09
CA SER A 95 -10.37 1.66 -19.76
C SER A 95 -9.83 0.24 -19.66
N ILE A 96 -10.23 -0.56 -18.65
CA ILE A 96 -9.54 -1.82 -18.35
C ILE A 96 -9.37 -2.67 -19.59
N ALA A 97 -10.36 -2.68 -20.47
CA ALA A 97 -10.28 -3.48 -21.70
C ALA A 97 -8.88 -3.40 -22.30
N SER A 98 -8.39 -2.18 -22.51
CA SER A 98 -7.12 -2.00 -23.20
C SER A 98 -5.92 -2.29 -22.30
N LEU A 99 -6.05 -2.05 -20.99
CA LEU A 99 -4.89 -2.14 -20.11
C LEU A 99 -4.30 -3.55 -20.11
N ALA A 100 -5.13 -4.58 -20.27
CA ALA A 100 -4.63 -5.95 -20.27
C ALA A 100 -3.64 -6.21 -21.40
N ASN A 101 -3.45 -5.26 -22.31
CA ASN A 101 -2.62 -5.47 -23.48
C ASN A 101 -1.47 -4.49 -23.62
N TYR A 102 -1.31 -3.55 -22.68
CA TYR A 102 -0.17 -2.66 -22.76
C TYR A 102 0.74 -2.86 -21.55
N ARG A 103 1.95 -2.33 -21.67
CA ARG A 103 2.97 -2.51 -20.64
C ARG A 103 2.63 -1.69 -19.41
N GLN A 104 2.86 -2.28 -18.23
CA GLN A 104 2.71 -1.50 -17.02
C GLN A 104 3.85 -1.88 -16.10
N ILE A 105 4.34 -0.90 -15.35
CA ILE A 105 5.36 -1.14 -14.35
C ILE A 105 4.59 -1.51 -13.09
N SER A 106 4.65 -2.77 -12.71
CA SER A 106 3.97 -3.19 -11.49
C SER A 106 5.00 -3.67 -10.47
N LEU A 107 4.59 -3.66 -9.21
CA LEU A 107 5.51 -3.99 -8.12
C LEU A 107 5.84 -5.47 -8.17
N GLY A 108 7.10 -5.79 -8.43
CA GLY A 108 7.56 -7.14 -8.27
C GLY A 108 7.70 -7.52 -6.81
N SER A 109 7.78 -8.82 -6.56
CA SER A 109 8.00 -9.35 -5.23
C SER A 109 9.29 -10.16 -5.23
N ARG A 110 9.91 -10.24 -4.06
CA ARG A 110 11.12 -11.05 -3.90
C ARG A 110 10.83 -12.53 -4.09
N SER A 111 9.57 -12.93 -3.98
CA SER A 111 9.19 -14.33 -4.16
C SER A 111 8.64 -14.63 -5.54
N GLY A 112 8.44 -13.62 -6.38
CA GLY A 112 7.91 -13.82 -7.72
C GLY A 112 6.44 -14.17 -7.79
N GLN A 113 5.79 -14.40 -6.65
CA GLN A 113 4.37 -14.72 -6.57
C GLN A 113 3.60 -13.48 -6.11
N HIS A 114 2.30 -13.46 -6.37
CA HIS A 114 1.48 -12.32 -6.03
C HIS A 114 0.08 -12.74 -5.59
N SER A 115 -0.54 -11.88 -4.79
CA SER A 115 -1.92 -12.05 -4.36
C SER A 115 -2.87 -11.64 -5.49
N ASN A 116 -4.18 -11.80 -5.28
CA ASN A 116 -5.11 -11.28 -6.27
C ASN A 116 -5.01 -9.77 -6.39
N LEU A 117 -4.90 -9.08 -5.25
CA LEU A 117 -4.93 -7.62 -5.26
C LEU A 117 -3.78 -7.04 -6.08
N LEU A 118 -2.60 -7.65 -5.99
CA LEU A 118 -1.39 -7.04 -6.51
C LEU A 118 -0.82 -7.77 -7.73
N ARG A 119 -1.42 -8.86 -8.16
CA ARG A 119 -0.86 -9.56 -9.32
C ARG A 119 -1.12 -8.72 -10.57
N PRO A 120 -0.11 -8.47 -11.40
CA PRO A 120 -0.32 -7.61 -12.58
C PRO A 120 -1.46 -8.09 -13.45
N VAL A 121 -2.03 -7.18 -14.25
CA VAL A 121 -3.21 -7.47 -15.06
C VAL A 121 -2.79 -7.78 -16.49
N SER A 122 -1.71 -7.13 -16.94
CA SER A 122 -1.26 -7.25 -18.32
C SER A 122 -0.35 -8.46 -18.46
N ASP A 123 0.09 -8.72 -19.68
CA ASP A 123 1.18 -9.65 -19.93
C ASP A 123 2.45 -8.91 -20.31
N LYS A 124 2.33 -7.71 -20.91
CA LYS A 124 3.46 -6.79 -20.96
C LYS A 124 3.63 -6.26 -19.55
N VAL A 125 4.56 -6.83 -18.78
CA VAL A 125 4.74 -6.41 -17.41
C VAL A 125 6.22 -6.21 -17.14
N LEU A 126 6.54 -5.12 -16.45
CA LEU A 126 7.91 -4.85 -16.02
C LEU A 126 7.89 -4.70 -14.50
N PHE A 127 8.55 -5.65 -13.81
CA PHE A 127 8.55 -5.63 -12.36
C PHE A 127 9.57 -4.61 -11.86
N VAL A 128 9.18 -3.87 -10.81
CA VAL A 128 10.11 -3.00 -10.11
C VAL A 128 9.95 -3.22 -8.61
N GLU A 129 10.94 -2.75 -7.85
CA GLU A 129 10.99 -2.98 -6.41
C GLU A 129 10.23 -1.95 -5.60
N ASN A 130 10.00 -0.75 -6.14
CA ASN A 130 9.49 0.35 -5.34
C ASN A 130 8.78 1.34 -6.24
N PHE A 131 7.95 2.20 -5.63
CA PHE A 131 7.13 3.08 -6.44
C PHE A 131 7.96 4.14 -7.17
N ASP A 132 9.11 4.52 -6.61
CA ASP A 132 9.96 5.50 -7.27
C ASP A 132 10.41 5.00 -8.65
N ASP A 133 10.91 3.75 -8.71
CA ASP A 133 11.30 3.19 -10.00
C ASP A 133 10.09 3.06 -10.93
N MET A 134 8.98 2.53 -10.38
CA MET A 134 7.75 2.46 -11.15
C MET A 134 7.48 3.76 -11.89
N LEU A 135 7.51 4.88 -11.16
CA LEU A 135 7.08 6.12 -11.76
C LEU A 135 8.19 6.78 -12.58
N ARG A 136 9.46 6.44 -12.32
CA ARG A 136 10.48 6.72 -13.32
C ARG A 136 10.03 6.21 -14.68
N LEU A 137 9.82 4.91 -14.75
CA LEU A 137 9.50 4.28 -16.03
C LEU A 137 8.18 4.79 -16.58
N VAL A 138 7.23 5.14 -15.71
CA VAL A 138 5.93 5.58 -16.18
C VAL A 138 6.02 7.01 -16.74
N GLU A 139 6.70 7.91 -16.03
CA GLU A 139 6.99 9.24 -16.57
C GLU A 139 7.89 9.20 -17.79
N ALA A 140 8.45 8.04 -18.14
CA ALA A 140 9.25 7.91 -19.34
C ALA A 140 8.46 7.28 -20.49
N GLY A 141 7.15 7.11 -20.32
CA GLY A 141 6.31 6.52 -21.35
C GLY A 141 6.39 5.01 -21.45
N VAL A 142 7.17 4.36 -20.59
CA VAL A 142 7.41 2.94 -20.77
C VAL A 142 6.15 2.12 -20.53
N GLY A 143 5.27 2.59 -19.64
CA GLY A 143 4.04 1.89 -19.38
C GLY A 143 3.20 2.64 -18.37
N TRP A 144 2.09 2.02 -17.98
CA TRP A 144 1.21 2.53 -16.95
C TRP A 144 1.50 1.82 -15.63
N GLY A 145 0.86 2.29 -14.56
CA GLY A 145 1.10 1.70 -13.26
C GLY A 145 0.06 2.14 -12.26
N ILE A 146 -0.11 1.31 -11.23
CA ILE A 146 -1.04 1.58 -10.15
C ILE A 146 -0.21 2.09 -8.98
N ALA A 147 -0.50 3.31 -8.51
CA ALA A 147 0.31 3.90 -7.46
C ALA A 147 -0.58 4.57 -6.42
N PRO A 148 -0.09 4.70 -5.19
CA PRO A 148 -0.88 5.37 -4.16
C PRO A 148 -1.17 6.81 -4.52
N HIS A 149 -2.16 7.40 -3.85
CA HIS A 149 -2.51 8.79 -4.11
C HIS A 149 -1.34 9.72 -3.84
N TYR A 150 -0.76 9.63 -2.64
CA TYR A 150 0.21 10.64 -2.21
C TYR A 150 1.49 10.61 -3.04
N PHE A 151 1.74 9.53 -3.79
CA PHE A 151 2.88 9.51 -4.70
C PHE A 151 2.65 10.34 -5.95
N VAL A 152 1.44 10.33 -6.50
CA VAL A 152 1.17 10.97 -7.78
C VAL A 152 0.35 12.25 -7.65
N GLU A 153 0.06 12.70 -6.43
CA GLU A 153 -0.65 13.97 -6.29
C GLU A 153 0.02 15.09 -7.06
N GLU A 154 1.26 15.42 -6.65
CA GLU A 154 2.02 16.49 -7.28
C GLU A 154 1.94 16.37 -8.80
N ARG A 155 2.33 15.20 -9.30
CA ARG A 155 2.51 15.01 -10.73
C ARG A 155 1.20 15.11 -11.48
N LEU A 156 0.11 14.61 -10.90
CA LEU A 156 -1.18 14.68 -11.57
C LEU A 156 -1.67 16.10 -11.69
N ARG A 157 -1.45 16.92 -10.66
CA ARG A 157 -1.88 18.31 -10.83
C ARG A 157 -0.91 19.16 -11.64
N ASN A 158 0.27 18.62 -11.98
CA ASN A 158 1.24 19.36 -12.77
C ASN A 158 1.32 18.89 -14.21
N GLY A 159 0.36 18.09 -14.67
CA GLY A 159 0.37 17.63 -16.04
C GLY A 159 1.40 16.55 -16.32
N THR A 160 2.42 16.40 -15.49
CA THR A 160 3.42 15.36 -15.68
C THR A 160 2.82 13.96 -15.73
N LEU A 161 1.61 13.76 -15.19
CA LEU A 161 0.97 12.46 -15.20
C LEU A 161 -0.52 12.59 -15.47
N ALA A 162 -1.11 11.49 -15.94
CA ALA A 162 -2.52 11.43 -16.28
C ALA A 162 -3.14 10.19 -15.66
N VAL A 163 -4.42 10.29 -15.33
CA VAL A 163 -5.17 9.21 -14.68
C VAL A 163 -5.90 8.44 -15.76
N LEU A 164 -5.82 7.10 -15.70
CA LEU A 164 -6.54 6.26 -16.65
C LEU A 164 -7.75 5.57 -16.06
N SER A 165 -7.99 5.68 -14.75
CA SER A 165 -8.93 4.84 -14.04
C SER A 165 -10.11 5.63 -13.48
N GLU A 166 -10.61 6.61 -14.22
CA GLU A 166 -11.80 7.33 -13.79
C GLU A 166 -13.09 6.65 -14.23
N LEU A 167 -13.06 5.90 -15.32
CA LEU A 167 -14.23 5.12 -15.68
C LEU A 167 -14.35 3.86 -14.82
N TYR A 168 -13.22 3.21 -14.54
CA TYR A 168 -13.25 2.03 -13.68
C TYR A 168 -13.90 2.37 -12.34
N GLU A 169 -13.35 3.37 -11.65
CA GLU A 169 -13.86 3.78 -10.34
C GLU A 169 -13.59 5.27 -10.18
N PRO A 170 -14.56 6.11 -10.53
CA PRO A 170 -14.36 7.56 -10.38
C PRO A 170 -13.93 7.94 -8.98
N GLY A 171 -12.94 8.82 -8.89
CA GLY A 171 -12.42 9.30 -7.63
C GLY A 171 -11.18 8.60 -7.14
N GLY A 172 -10.78 7.52 -7.81
CA GLY A 172 -9.63 6.76 -7.39
C GLY A 172 -10.04 5.39 -6.87
N ILE A 173 -9.18 4.41 -7.08
CA ILE A 173 -9.48 3.04 -6.68
C ILE A 173 -9.33 2.99 -5.17
N ASP A 174 -10.46 2.95 -4.47
CA ASP A 174 -10.47 2.80 -3.02
C ASP A 174 -9.95 1.43 -2.62
N THR A 175 -8.86 1.42 -1.86
CA THR A 175 -8.18 0.21 -1.44
C THR A 175 -8.27 0.10 0.08
N LYS A 176 -8.69 -1.07 0.55
CA LYS A 176 -8.87 -1.34 1.98
C LYS A 176 -7.51 -1.52 2.63
N VAL A 177 -7.34 -0.95 3.82
CA VAL A 177 -6.08 -0.99 4.57
C VAL A 177 -6.28 -1.92 5.75
N TYR A 178 -5.49 -2.98 5.82
CA TYR A 178 -5.59 -3.99 6.86
C TYR A 178 -4.47 -3.79 7.88
N CYS A 179 -4.74 -4.28 9.09
CA CYS A 179 -3.76 -4.35 10.18
C CYS A 179 -3.69 -5.79 10.64
N TYR A 180 -2.55 -6.44 10.41
CA TYR A 180 -2.34 -7.75 10.98
C TYR A 180 -1.48 -7.59 12.23
N TYR A 181 -1.66 -8.49 13.19
CA TYR A 181 -0.98 -8.30 14.46
C TYR A 181 -0.91 -9.60 15.24
N ASN A 182 0.03 -9.62 16.18
CA ASN A 182 0.34 -10.81 16.95
C ASN A 182 -0.88 -11.20 17.79
N THR A 183 -1.14 -12.51 17.89
CA THR A 183 -2.24 -12.95 18.75
C THR A 183 -1.97 -12.65 20.21
N ALA A 184 -0.78 -12.14 20.54
CA ALA A 184 -0.47 -11.75 21.90
C ALA A 184 -0.93 -10.34 22.23
N LEU A 185 -1.46 -9.59 21.25
CA LEU A 185 -1.77 -8.18 21.49
C LEU A 185 -3.26 -7.89 21.73
N GLU A 186 -4.16 -8.79 21.32
CA GLU A 186 -5.56 -8.67 21.71
C GLU A 186 -5.70 -8.36 23.19
N SER A 187 -4.86 -8.95 24.03
CA SER A 187 -4.91 -8.71 25.47
C SER A 187 -4.07 -7.51 25.88
N GLU A 188 -4.10 -6.44 25.10
CA GLU A 188 -3.32 -5.24 25.38
C GLU A 188 -4.25 -4.03 25.27
N ARG A 189 -4.26 -3.19 26.30
CA ARG A 189 -5.02 -1.94 26.25
C ARG A 189 -4.47 -1.02 25.15
N SER A 190 -3.13 -0.94 25.08
CA SER A 190 -2.46 -0.15 24.06
C SER A 190 -3.06 -0.39 22.70
N PHE A 191 -3.15 -1.67 22.31
CA PHE A 191 -3.48 -2.01 20.94
C PHE A 191 -4.83 -1.44 20.55
N LEU A 192 -5.79 -1.43 21.46
CA LEU A 192 -7.10 -0.88 21.12
C LEU A 192 -7.03 0.63 21.00
N ARG A 193 -6.26 1.28 21.89
CA ARG A 193 -6.05 2.72 21.71
C ARG A 193 -5.45 3.00 20.34
N PHE A 194 -4.46 2.20 19.95
CA PHE A 194 -3.83 2.36 18.66
C PHE A 194 -4.82 2.15 17.52
N LEU A 195 -5.67 1.13 17.64
CA LEU A 195 -6.64 0.88 16.57
C LEU A 195 -7.57 2.07 16.39
N GLU A 196 -8.14 2.56 17.48
CA GLU A 196 -9.04 3.71 17.36
C GLU A 196 -8.31 4.88 16.71
N SER A 197 -7.10 5.18 17.19
CA SER A 197 -6.37 6.34 16.68
C SER A 197 -6.02 6.17 15.21
N ALA A 198 -5.57 4.99 14.82
CA ALA A 198 -5.21 4.75 13.43
C ALA A 198 -6.42 4.85 12.52
N ARG A 199 -7.55 4.34 12.97
CA ARG A 199 -8.77 4.42 12.16
C ARG A 199 -9.19 5.87 11.98
N GLN A 200 -9.21 6.64 13.08
CA GLN A 200 -9.53 8.05 12.95
C GLN A 200 -8.53 8.75 12.03
N ARG A 201 -7.27 8.30 12.04
CA ARG A 201 -6.25 8.97 11.24
C ARG A 201 -6.47 8.73 9.76
N LEU A 202 -6.66 7.47 9.36
CA LEU A 202 -6.97 7.21 7.96
C LEU A 202 -8.23 7.95 7.54
N ARG A 203 -9.20 8.06 8.47
CA ARG A 203 -10.45 8.72 8.13
C ARG A 203 -10.19 10.20 7.86
N GLU A 204 -9.31 10.82 8.66
CA GLU A 204 -8.91 12.20 8.43
C GLU A 204 -8.14 12.35 7.11
N LEU A 205 -7.15 11.49 6.86
CA LEU A 205 -6.37 11.60 5.63
C LEU A 205 -7.25 11.48 4.41
N GLY A 206 -8.34 10.71 4.50
CA GLY A 206 -9.26 10.60 3.38
C GLY A 206 -9.86 11.92 2.95
N ARG A 207 -9.96 12.88 3.88
CA ARG A 207 -10.64 14.14 3.58
C ARG A 207 -9.75 15.14 2.84
N GLN A 208 -8.44 15.00 2.92
CA GLN A 208 -7.52 15.89 2.21
C GLN A 208 -7.77 15.87 0.71
C10 U7Q B . -6.35 -2.93 -6.12
C13 U7Q B . -3.49 -0.72 -5.03
C17 U7Q B . -3.50 -2.54 -6.59
C02 U7Q B . -7.09 -1.50 -12.92
C03 U7Q B . -5.91 -2.04 -12.44
C04 U7Q B . -5.79 -2.31 -11.08
C05 U7Q B . -6.84 -2.04 -10.22
C06 U7Q B . -8.02 -1.50 -10.72
C07 U7Q B . -8.14 -1.23 -12.06
C08 U7Q B . -6.69 -2.33 -8.73
C09 U7Q B . -6.56 -2.56 -7.58
C12 U7Q B . -4.18 -1.71 -5.70
C14 U7Q B . -2.13 -0.58 -5.27
C16 U7Q B . -2.13 -2.33 -6.76
C18 U7Q B . -1.37 0.50 -4.53
F01 U7Q B . -7.22 -1.23 -14.26
F19 U7Q B . -1.05 1.50 -5.39
F20 U7Q B . -0.25 -0.04 -3.98
F21 U7Q B . -2.17 1.01 -3.54
N11 U7Q B . -5.62 -1.86 -5.46
N15 U7Q B . -1.49 -1.37 -6.11
H102 U7Q B . -5.84 -3.76 -6.06
H101 U7Q B . -7.21 -3.05 -5.68
H131 U7Q B . -3.92 -0.16 -4.43
H171 U7Q B . -3.93 -3.21 -7.05
H031 U7Q B . -5.21 -2.22 -13.01
H041 U7Q B . -5.00 -2.67 -10.75
H061 U7Q B . -8.72 -1.32 -10.14
H071 U7Q B . -8.93 -0.87 -12.39
H161 U7Q B . -1.66 -2.87 -7.35
H111 U7Q B . -6.01 -1.31 -4.93
#